data_3MFK
#
_entry.id   3MFK
#
_cell.length_a   92.812
_cell.length_b   99.153
_cell.length_c   76.496
_cell.angle_alpha   90.00
_cell.angle_beta   108.14
_cell.angle_gamma   90.00
#
_symmetry.space_group_name_H-M   'C 1 2 1'
#
loop_
_entity.id
_entity.type
_entity.pdbx_description
1 polymer 'Protein C-ets-1'
2 polymer 'stromelysin-1 promoter DNA'
3 polymer 'stromelysin-1 promoter DNA'
4 water water
#
loop_
_entity_poly.entity_id
_entity_poly.type
_entity_poly.pdbx_seq_one_letter_code
_entity_poly.pdbx_strand_id
1 'polypeptide(L)'
;VPSYDSFDSEDYPAALPNHKPKGTFKDYVRDRADLNKDKPVIPAAALAGYTGSGPIQLWQFLLELLTDKSCQSFISWTGD
GWEFKLSDPDEVARRWGKRKNKPKMNYEKLSRGLRYYYDKNIIHKTAGKRYVYRFVCDLQSLLGYTPEELHAMLDVKPDA
DE
;
A,B
2 'polydeoxyribonucleotide' (DG)(DC)(DA)(DG)(DG)(DA)(DA)(DG)(DT)(DG)(DC)(DT)(DT)(DC)(DC)(DT) C
3 'polydeoxyribonucleotide' (DC)(DA)(DG)(DG)(DA)(DA)(DG)(DC)(DA)(DC)(DT)(DT)(DC)(DC)(DT)(DG) D
#
# COMPACT_ATOMS: atom_id res chain seq x y z
N GLY A 23 20.57 -0.20 -35.00
CA GLY A 23 20.35 -0.26 -33.53
C GLY A 23 20.69 -1.62 -32.96
N THR A 24 21.37 -1.63 -31.82
CA THR A 24 21.74 -2.87 -31.16
C THR A 24 20.58 -3.32 -30.29
N PHE A 25 20.88 -4.12 -29.26
CA PHE A 25 19.83 -4.61 -28.38
C PHE A 25 19.34 -3.55 -27.38
N LYS A 26 20.25 -2.90 -26.66
CA LYS A 26 19.84 -1.88 -25.71
C LYS A 26 18.89 -0.93 -26.42
N ASP A 27 19.20 -0.64 -27.67
CA ASP A 27 18.36 0.24 -28.48
C ASP A 27 16.98 -0.38 -28.55
N TYR A 28 16.92 -1.57 -29.14
CA TYR A 28 15.67 -2.31 -29.26
C TYR A 28 14.90 -2.36 -27.95
N VAL A 29 15.62 -2.39 -26.83
CA VAL A 29 15.01 -2.44 -25.50
C VAL A 29 14.40 -1.09 -25.14
N ARG A 30 15.24 -0.06 -25.13
CA ARG A 30 14.79 1.30 -24.82
C ARG A 30 13.64 1.71 -25.74
N ASP A 31 13.76 1.36 -27.02
CA ASP A 31 12.74 1.70 -28.01
C ASP A 31 11.37 1.23 -27.55
N ARG A 32 11.25 -0.07 -27.28
CA ARG A 32 9.99 -0.61 -26.83
C ARG A 32 9.68 -0.33 -25.36
N ALA A 33 10.73 -0.13 -24.57
CA ALA A 33 10.57 0.16 -23.14
C ALA A 33 10.22 1.64 -22.93
N ASP A 34 10.57 2.48 -23.90
CA ASP A 34 10.31 3.91 -23.85
C ASP A 34 8.82 4.15 -23.49
N LEU A 35 8.00 3.14 -23.76
CA LEU A 35 6.57 3.20 -23.50
C LEU A 35 6.12 3.11 -22.04
N ASN A 36 5.04 3.83 -21.78
CA ASN A 36 4.35 3.89 -20.50
C ASN A 36 2.93 4.01 -20.98
N LYS A 37 2.69 5.15 -21.66
CA LYS A 37 1.40 5.49 -22.23
C LYS A 37 0.36 5.67 -21.13
N ASP A 38 0.33 4.73 -20.21
CA ASP A 38 -0.62 4.76 -19.11
C ASP A 38 0.06 5.16 -17.81
N LYS A 39 1.39 5.24 -17.83
CA LYS A 39 2.13 5.57 -16.63
C LYS A 39 2.13 7.04 -16.18
N PRO A 40 1.86 7.26 -14.87
CA PRO A 40 1.84 8.61 -14.31
C PRO A 40 3.26 9.06 -13.98
N VAL A 41 3.59 10.28 -14.32
CA VAL A 41 4.90 10.86 -14.06
C VAL A 41 5.42 10.66 -12.62
N ILE A 42 4.56 10.92 -11.63
CA ILE A 42 4.93 10.80 -10.22
C ILE A 42 4.04 9.80 -9.49
N PRO A 43 4.36 8.51 -9.56
CA PRO A 43 3.51 7.54 -8.85
C PRO A 43 3.67 7.66 -7.34
N ALA A 44 2.56 7.93 -6.68
CA ALA A 44 2.51 8.10 -5.22
C ALA A 44 3.42 7.17 -4.43
N ALA A 45 3.36 5.89 -4.76
CA ALA A 45 4.18 4.90 -4.07
C ALA A 45 5.67 5.17 -4.20
N ALA A 46 6.10 5.50 -5.41
CA ALA A 46 7.51 5.77 -5.67
C ALA A 46 7.96 7.00 -4.87
N LEU A 47 7.09 8.00 -4.82
CA LEU A 47 7.42 9.21 -4.08
C LEU A 47 7.51 8.85 -2.59
N ALA A 48 6.52 8.09 -2.13
CA ALA A 48 6.52 7.67 -0.75
C ALA A 48 7.87 6.97 -0.51
N GLY A 49 8.24 6.08 -1.44
CA GLY A 49 9.49 5.35 -1.34
C GLY A 49 10.70 6.26 -1.27
N TYR A 50 10.90 7.11 -2.27
CA TYR A 50 12.03 8.02 -2.29
C TYR A 50 12.16 8.89 -1.03
N THR A 51 11.03 9.20 -0.40
CA THR A 51 11.03 10.04 0.78
C THR A 51 10.85 9.27 2.08
N GLY A 52 10.45 8.00 1.96
CA GLY A 52 10.22 7.18 3.14
C GLY A 52 9.20 7.85 4.04
N SER A 53 8.18 8.46 3.41
CA SER A 53 7.12 9.16 4.13
C SER A 53 6.11 8.18 4.73
N GLY A 54 6.44 6.90 4.72
CA GLY A 54 5.52 5.93 5.28
C GLY A 54 4.39 5.70 4.31
N PRO A 55 3.24 5.19 4.76
CA PRO A 55 2.08 4.91 3.91
C PRO A 55 1.76 6.08 3.00
N ILE A 56 1.17 5.76 1.85
CA ILE A 56 0.81 6.80 0.89
C ILE A 56 -0.07 7.86 1.58
N GLN A 57 0.18 9.12 1.24
CA GLN A 57 -0.58 10.23 1.78
C GLN A 57 -1.38 10.91 0.66
N LEU A 58 -2.57 11.38 1.02
CA LEU A 58 -3.47 12.02 0.08
C LEU A 58 -2.80 12.97 -0.91
N TRP A 59 -1.91 13.83 -0.46
CA TRP A 59 -1.31 14.77 -1.40
C TRP A 59 -0.46 14.03 -2.42
N GLN A 60 0.32 13.07 -1.96
CA GLN A 60 1.15 12.30 -2.85
C GLN A 60 0.24 11.61 -3.87
N PHE A 61 -0.95 11.24 -3.42
CA PHE A 61 -1.90 10.59 -4.28
C PHE A 61 -2.35 11.53 -5.41
N LEU A 62 -2.97 12.64 -5.01
CA LEU A 62 -3.46 13.64 -5.95
C LEU A 62 -2.34 14.01 -6.92
N LEU A 63 -1.12 14.04 -6.40
CA LEU A 63 0.00 14.39 -7.26
C LEU A 63 0.12 13.32 -8.31
N GLU A 64 -0.09 12.07 -7.93
CA GLU A 64 0.00 11.01 -8.91
C GLU A 64 -1.00 11.26 -10.04
N LEU A 65 -2.28 11.36 -9.69
CA LEU A 65 -3.28 11.60 -10.73
C LEU A 65 -3.03 12.81 -11.62
N LEU A 66 -2.44 13.88 -11.07
CA LEU A 66 -2.19 15.06 -11.89
C LEU A 66 -1.13 14.80 -12.92
N THR A 67 -0.31 13.79 -12.66
CA THR A 67 0.75 13.44 -13.59
C THR A 67 0.38 12.20 -14.38
N ASP A 68 -0.90 11.83 -14.32
CA ASP A 68 -1.42 10.68 -15.04
C ASP A 68 -2.43 11.25 -16.01
N LYS A 69 -2.00 11.44 -17.27
CA LYS A 69 -2.82 12.00 -18.36
C LYS A 69 -4.24 11.46 -18.40
N SER A 70 -4.38 10.19 -18.03
CA SER A 70 -5.67 9.48 -18.01
C SER A 70 -6.71 10.14 -17.10
N CYS A 71 -6.22 10.74 -16.03
CA CYS A 71 -7.09 11.37 -15.04
C CYS A 71 -7.46 12.81 -15.31
N GLN A 72 -6.93 13.40 -16.38
CA GLN A 72 -7.22 14.78 -16.70
C GLN A 72 -8.72 15.03 -16.73
N SER A 73 -9.48 13.96 -16.96
CA SER A 73 -10.94 14.02 -17.00
C SER A 73 -11.61 14.64 -15.77
N PHE A 74 -11.25 14.13 -14.58
CA PHE A 74 -11.81 14.62 -13.33
C PHE A 74 -10.86 15.47 -12.50
N ILE A 75 -9.56 15.43 -12.82
CA ILE A 75 -8.60 16.26 -12.09
C ILE A 75 -7.47 16.73 -13.01
N SER A 76 -7.11 18.01 -12.90
CA SER A 76 -6.05 18.54 -13.75
C SER A 76 -5.50 19.87 -13.25
N TRP A 77 -4.43 20.33 -13.91
CA TRP A 77 -3.80 21.59 -13.54
C TRP A 77 -4.56 22.81 -14.10
N THR A 78 -4.46 23.94 -13.40
CA THR A 78 -5.12 25.16 -13.84
C THR A 78 -4.15 25.90 -14.75
N GLY A 79 -2.93 25.41 -14.83
CA GLY A 79 -1.97 26.09 -15.68
C GLY A 79 -1.19 27.11 -14.90
N ASP A 80 -1.68 27.46 -13.71
CA ASP A 80 -0.96 28.41 -12.85
C ASP A 80 -0.16 27.66 -11.78
N GLY A 81 1.14 27.93 -11.71
CA GLY A 81 1.99 27.28 -10.73
C GLY A 81 1.54 25.86 -10.43
N TRP A 82 1.46 25.52 -9.14
CA TRP A 82 1.04 24.17 -8.75
C TRP A 82 -0.44 24.14 -8.37
N GLU A 83 -1.18 25.14 -8.84
CA GLU A 83 -2.61 25.21 -8.56
C GLU A 83 -3.30 24.18 -9.44
N PHE A 84 -4.37 23.59 -8.92
CA PHE A 84 -5.12 22.56 -9.67
C PHE A 84 -6.60 22.56 -9.31
N LYS A 85 -7.36 21.68 -9.94
CA LYS A 85 -8.78 21.61 -9.65
C LYS A 85 -9.32 20.20 -9.72
N LEU A 86 -10.41 19.97 -8.99
CA LEU A 86 -11.08 18.68 -8.98
C LEU A 86 -12.37 18.86 -9.76
N SER A 87 -12.27 18.82 -11.08
CA SER A 87 -13.44 18.99 -11.93
C SER A 87 -14.53 17.97 -11.61
N ASP A 88 -14.15 16.87 -10.98
CA ASP A 88 -15.12 15.84 -10.60
C ASP A 88 -14.72 15.19 -9.29
N PRO A 89 -14.96 15.88 -8.17
CA PRO A 89 -14.62 15.38 -6.84
C PRO A 89 -14.99 13.94 -6.64
N ASP A 90 -16.28 13.67 -6.69
CA ASP A 90 -16.77 12.33 -6.49
C ASP A 90 -15.84 11.21 -6.99
N GLU A 91 -15.46 11.26 -8.27
CA GLU A 91 -14.59 10.21 -8.80
C GLU A 91 -13.27 10.17 -8.05
N VAL A 92 -12.68 11.35 -7.86
CA VAL A 92 -11.41 11.43 -7.13
C VAL A 92 -11.59 10.73 -5.80
N ALA A 93 -12.65 11.13 -5.08
CA ALA A 93 -12.93 10.55 -3.78
C ALA A 93 -12.96 9.03 -3.85
N ARG A 94 -13.74 8.49 -4.79
CA ARG A 94 -13.84 7.04 -4.93
C ARG A 94 -12.50 6.37 -5.21
N ARG A 95 -11.72 6.93 -6.13
CA ARG A 95 -10.45 6.32 -6.44
C ARG A 95 -9.59 6.28 -5.19
N TRP A 96 -9.55 7.41 -4.49
CA TRP A 96 -8.76 7.53 -3.26
C TRP A 96 -9.26 6.57 -2.20
N GLY A 97 -10.58 6.46 -2.12
CA GLY A 97 -11.17 5.55 -1.16
C GLY A 97 -10.69 4.15 -1.50
N LYS A 98 -10.75 3.84 -2.79
CA LYS A 98 -10.31 2.53 -3.25
C LYS A 98 -8.87 2.30 -2.81
N ARG A 99 -8.03 3.29 -3.07
CA ARG A 99 -6.62 3.20 -2.77
C ARG A 99 -6.33 2.67 -1.38
N LYS A 100 -7.03 3.21 -0.38
CA LYS A 100 -6.79 2.77 0.98
C LYS A 100 -7.89 1.89 1.58
N ASN A 101 -8.72 1.30 0.74
CA ASN A 101 -9.81 0.43 1.19
C ASN A 101 -10.73 1.19 2.11
N LYS A 102 -11.48 2.12 1.54
CA LYS A 102 -12.40 2.93 2.31
C LYS A 102 -13.63 3.20 1.46
N PRO A 103 -14.42 2.15 1.24
CA PRO A 103 -15.64 2.21 0.44
C PRO A 103 -16.55 3.39 0.77
N LYS A 104 -16.49 3.88 2.01
CA LYS A 104 -17.31 5.01 2.43
C LYS A 104 -16.71 6.37 2.07
N MET A 105 -15.50 6.36 1.51
CA MET A 105 -14.85 7.62 1.16
C MET A 105 -15.67 8.50 0.23
N ASN A 106 -15.53 9.81 0.37
CA ASN A 106 -16.25 10.75 -0.47
C ASN A 106 -15.53 12.07 -0.34
N TYR A 107 -15.73 12.97 -1.27
CA TYR A 107 -15.03 14.25 -1.22
C TYR A 107 -15.26 14.96 0.10
N GLU A 108 -16.42 14.72 0.70
CA GLU A 108 -16.76 15.37 1.95
C GLU A 108 -15.76 15.07 3.06
N LYS A 109 -15.30 13.83 3.10
CA LYS A 109 -14.33 13.41 4.11
C LYS A 109 -12.95 13.78 3.59
N LEU A 110 -12.71 13.45 2.33
CA LEU A 110 -11.44 13.73 1.69
C LEU A 110 -11.13 15.22 1.81
N SER A 111 -12.15 16.06 1.70
CA SER A 111 -11.90 17.51 1.79
C SER A 111 -11.37 17.86 3.18
N ARG A 112 -11.72 17.02 4.15
CA ARG A 112 -11.26 17.25 5.51
C ARG A 112 -9.76 17.05 5.52
N GLY A 113 -9.34 15.90 4.98
CA GLY A 113 -7.92 15.59 4.90
C GLY A 113 -7.21 16.83 4.39
N LEU A 114 -7.58 17.21 3.17
CA LEU A 114 -7.01 18.38 2.56
C LEU A 114 -7.04 19.61 3.45
N ARG A 115 -7.97 19.66 4.39
CA ARG A 115 -8.04 20.85 5.23
C ARG A 115 -7.04 20.93 6.35
N TYR A 116 -6.36 19.81 6.59
CA TYR A 116 -5.32 19.75 7.61
C TYR A 116 -3.96 20.03 6.92
N TYR A 117 -3.92 20.25 5.60
CA TYR A 117 -2.63 20.58 4.97
C TYR A 117 -2.38 22.08 5.06
N TYR A 118 -3.45 22.84 5.22
CA TYR A 118 -3.36 24.30 5.34
C TYR A 118 -2.37 24.70 6.44
N ASP A 119 -2.38 23.96 7.54
CA ASP A 119 -1.49 24.31 8.63
C ASP A 119 -0.12 23.71 8.45
N LYS A 120 -0.10 22.51 7.88
CA LYS A 120 1.14 21.78 7.58
C LYS A 120 1.82 22.43 6.37
N ASN A 121 1.14 23.42 5.78
CA ASN A 121 1.61 24.13 4.61
C ASN A 121 2.06 23.21 3.51
N ILE A 122 1.11 22.38 3.11
CA ILE A 122 1.27 21.39 2.07
C ILE A 122 0.40 21.88 0.91
N ILE A 123 -0.91 21.89 1.12
CA ILE A 123 -1.81 22.38 0.10
C ILE A 123 -2.54 23.59 0.63
N HIS A 124 -3.05 24.41 -0.28
CA HIS A 124 -3.78 25.58 0.16
C HIS A 124 -4.88 25.85 -0.86
N LYS A 125 -6.12 25.95 -0.39
CA LYS A 125 -7.29 26.21 -1.24
C LYS A 125 -7.33 27.63 -1.82
N THR A 126 -7.45 27.71 -3.15
CA THR A 126 -7.47 28.98 -3.89
C THR A 126 -8.77 29.69 -3.60
N ALA A 127 -8.68 30.84 -2.92
CA ALA A 127 -9.85 31.61 -2.50
C ALA A 127 -10.71 32.16 -3.62
N GLY A 128 -12.02 31.94 -3.51
CA GLY A 128 -12.95 32.45 -4.50
C GLY A 128 -13.26 31.49 -5.62
N LYS A 129 -13.01 30.21 -5.39
CA LYS A 129 -13.26 29.19 -6.38
C LYS A 129 -13.65 27.88 -5.71
N ARG A 130 -14.36 27.02 -6.42
CA ARG A 130 -14.71 25.74 -5.85
C ARG A 130 -13.79 24.65 -6.40
N TYR A 131 -13.42 23.73 -5.51
CA TYR A 131 -12.57 22.61 -5.87
C TYR A 131 -11.26 23.03 -6.52
N VAL A 132 -10.73 24.15 -6.04
CA VAL A 132 -9.47 24.66 -6.56
C VAL A 132 -8.41 24.92 -5.47
N TYR A 133 -7.46 24.00 -5.31
CA TYR A 133 -6.36 24.15 -4.35
C TYR A 133 -5.00 24.35 -5.03
N ARG A 134 -3.92 24.35 -4.24
CA ARG A 134 -2.59 24.60 -4.80
C ARG A 134 -1.42 24.14 -3.94
N PHE A 135 -0.74 23.05 -4.30
CA PHE A 135 0.43 22.58 -3.53
C PHE A 135 1.23 23.81 -3.16
N VAL A 136 1.63 23.93 -1.91
CA VAL A 136 2.45 25.09 -1.55
C VAL A 136 3.72 24.68 -0.86
N CYS A 137 3.92 23.36 -0.76
CA CYS A 137 5.14 22.86 -0.18
C CYS A 137 6.15 23.16 -1.27
N ASP A 138 7.31 22.52 -1.25
CA ASP A 138 8.28 22.82 -2.28
C ASP A 138 8.56 21.69 -3.27
N LEU A 139 7.50 21.13 -3.85
CA LEU A 139 7.63 20.03 -4.81
C LEU A 139 8.72 20.18 -5.86
N GLN A 140 8.92 21.39 -6.36
CA GLN A 140 9.93 21.60 -7.38
C GLN A 140 11.27 20.96 -6.97
N SER A 141 11.76 21.38 -5.82
CA SER A 141 13.01 20.88 -5.30
C SER A 141 12.95 19.39 -5.10
N LEU A 142 11.84 18.93 -4.55
CA LEU A 142 11.68 17.52 -4.29
C LEU A 142 11.62 16.71 -5.58
N LEU A 143 10.64 17.03 -6.42
CA LEU A 143 10.44 16.28 -7.66
C LEU A 143 11.47 16.52 -8.77
N GLY A 144 12.17 17.65 -8.72
CA GLY A 144 13.16 17.89 -9.77
C GLY A 144 12.59 18.58 -10.99
N TYR A 145 11.26 18.64 -11.09
CA TYR A 145 10.56 19.30 -12.20
C TYR A 145 10.01 20.67 -11.75
N THR A 146 9.69 21.50 -12.73
CA THR A 146 9.12 22.81 -12.49
C THR A 146 7.66 22.68 -12.94
N PRO A 147 6.75 23.45 -12.35
CA PRO A 147 5.36 23.29 -12.81
C PRO A 147 5.20 23.30 -14.34
N GLU A 148 5.85 24.28 -14.99
CA GLU A 148 5.76 24.38 -16.43
C GLU A 148 6.23 23.13 -17.17
N GLU A 149 7.32 22.53 -16.73
CA GLU A 149 7.82 21.33 -17.38
C GLU A 149 6.72 20.26 -17.32
N LEU A 150 6.07 20.14 -16.18
CA LEU A 150 5.03 19.14 -16.03
C LEU A 150 3.78 19.46 -16.83
N HIS A 151 3.48 20.76 -16.99
CA HIS A 151 2.32 21.16 -17.75
C HIS A 151 2.54 20.68 -19.17
N ALA A 152 3.75 20.91 -19.66
CA ALA A 152 4.16 20.53 -21.01
C ALA A 152 4.01 19.02 -21.20
N MET A 153 4.64 18.26 -20.34
CA MET A 153 4.59 16.82 -20.42
C MET A 153 3.16 16.31 -20.42
N LEU A 154 2.23 17.17 -20.01
CA LEU A 154 0.84 16.76 -19.94
C LEU A 154 -0.08 17.61 -20.84
N ASP A 155 0.54 18.38 -21.74
CA ASP A 155 -0.20 19.23 -22.65
C ASP A 155 -1.36 19.88 -21.91
N VAL A 156 -1.03 20.64 -20.88
CA VAL A 156 -2.04 21.31 -20.08
C VAL A 156 -2.47 22.61 -20.72
N LYS A 157 -3.77 22.86 -20.70
CA LYS A 157 -4.33 24.06 -21.28
C LYS A 157 -4.93 24.99 -20.21
N PRO A 158 -4.27 26.13 -19.97
CA PRO A 158 -4.66 27.16 -19.01
C PRO A 158 -6.14 27.48 -18.98
N ASP A 159 -6.63 27.86 -17.80
CA ASP A 159 -8.02 28.20 -17.59
C ASP A 159 -8.11 29.72 -17.50
N ALA A 160 -9.33 30.26 -17.51
CA ALA A 160 -9.52 31.70 -17.43
C ALA A 160 -10.59 32.08 -16.41
N GLY B 23 -4.92 -40.12 -14.09
CA GLY B 23 -4.37 -38.72 -14.08
C GLY B 23 -4.40 -38.09 -15.46
N THR B 24 -5.11 -36.97 -15.58
CA THR B 24 -5.20 -36.30 -16.87
C THR B 24 -4.79 -34.85 -16.66
N PHE B 25 -4.79 -34.10 -17.75
CA PHE B 25 -4.41 -32.70 -17.67
C PHE B 25 -5.39 -31.94 -16.78
N LYS B 26 -6.64 -32.40 -16.77
CA LYS B 26 -7.69 -31.78 -15.97
C LYS B 26 -7.18 -31.71 -14.54
N ASP B 27 -6.88 -32.90 -14.01
CA ASP B 27 -6.37 -33.03 -12.66
C ASP B 27 -5.10 -32.23 -12.48
N TYR B 28 -4.13 -32.45 -13.37
CA TYR B 28 -2.86 -31.73 -13.30
C TYR B 28 -3.07 -30.26 -12.98
N VAL B 29 -4.01 -29.63 -13.70
CA VAL B 29 -4.32 -28.21 -13.48
C VAL B 29 -4.93 -28.05 -12.10
N ARG B 30 -5.85 -28.96 -11.76
CA ARG B 30 -6.50 -28.94 -10.46
C ARG B 30 -5.44 -28.92 -9.36
N ASP B 31 -4.60 -29.94 -9.33
CA ASP B 31 -3.54 -30.04 -8.33
C ASP B 31 -2.68 -28.79 -8.25
N ARG B 32 -2.20 -28.32 -9.40
CA ARG B 32 -1.38 -27.11 -9.44
C ARG B 32 -2.18 -25.90 -8.96
N ALA B 33 -3.51 -26.01 -9.04
CA ALA B 33 -4.41 -24.93 -8.60
C ALA B 33 -4.04 -24.55 -7.18
N ASP B 34 -4.18 -25.49 -6.24
CA ASP B 34 -3.78 -25.23 -4.86
C ASP B 34 -2.40 -24.73 -5.21
N LEU B 35 -1.96 -23.64 -4.62
CA LEU B 35 -0.67 -23.14 -5.02
C LEU B 35 0.42 -24.22 -5.09
N ASN B 36 1.57 -23.77 -5.52
CA ASN B 36 2.80 -24.54 -5.70
C ASN B 36 3.52 -23.33 -6.27
N LYS B 37 2.72 -22.55 -6.99
CA LYS B 37 3.15 -21.31 -7.62
C LYS B 37 3.94 -20.56 -6.54
N ASP B 38 4.42 -19.38 -6.88
CA ASP B 38 5.23 -18.62 -5.93
C ASP B 38 4.47 -17.63 -5.04
N LYS B 39 3.41 -18.04 -4.33
CA LYS B 39 2.66 -17.06 -3.51
C LYS B 39 2.06 -17.40 -2.13
N PRO B 40 1.81 -16.35 -1.31
CA PRO B 40 1.25 -16.37 0.06
C PRO B 40 -0.24 -16.66 0.08
N VAL B 41 -0.60 -17.76 0.73
CA VAL B 41 -2.00 -18.18 0.84
C VAL B 41 -2.97 -17.04 1.13
N ILE B 42 -2.61 -16.18 2.09
CA ILE B 42 -3.47 -15.06 2.46
C ILE B 42 -2.73 -13.73 2.32
N PRO B 43 -2.73 -13.15 1.12
CA PRO B 43 -2.05 -11.86 0.91
C PRO B 43 -2.73 -10.74 1.68
N ALA B 44 -1.94 -10.06 2.50
CA ALA B 44 -2.42 -8.97 3.34
C ALA B 44 -3.39 -8.02 2.62
N ALA B 45 -2.93 -7.40 1.54
CA ALA B 45 -3.77 -6.47 0.80
C ALA B 45 -5.16 -7.05 0.61
N ALA B 46 -5.21 -8.23 0.02
CA ALA B 46 -6.47 -8.91 -0.26
C ALA B 46 -7.40 -8.96 0.94
N LEU B 47 -6.89 -9.44 2.06
CA LEU B 47 -7.67 -9.55 3.29
C LEU B 47 -8.17 -8.16 3.72
N ALA B 48 -7.34 -7.14 3.51
CA ALA B 48 -7.69 -5.77 3.88
C ALA B 48 -8.82 -5.28 3.00
N GLY B 49 -8.90 -5.85 1.81
CA GLY B 49 -9.96 -5.47 0.88
C GLY B 49 -11.24 -6.21 1.22
N TYR B 50 -11.10 -7.49 1.56
CA TYR B 50 -12.27 -8.29 1.93
C TYR B 50 -12.83 -7.78 3.25
N THR B 51 -11.95 -7.24 4.09
CA THR B 51 -12.33 -6.71 5.38
C THR B 51 -12.70 -5.23 5.29
N GLY B 52 -12.08 -4.53 4.35
CA GLY B 52 -12.34 -3.10 4.18
C GLY B 52 -11.72 -2.32 5.32
N SER B 53 -10.80 -2.96 6.04
CA SER B 53 -10.11 -2.38 7.19
C SER B 53 -9.16 -1.24 6.81
N GLY B 54 -9.31 -0.74 5.59
CA GLY B 54 -8.44 0.33 5.15
C GLY B 54 -7.01 -0.14 4.99
N PRO B 55 -6.03 0.74 5.26
CA PRO B 55 -4.61 0.38 5.13
C PRO B 55 -4.30 -1.00 5.72
N ILE B 56 -3.09 -1.48 5.42
CA ILE B 56 -2.70 -2.79 5.90
C ILE B 56 -2.22 -2.72 7.34
N GLN B 57 -2.72 -3.64 8.16
CA GLN B 57 -2.34 -3.70 9.56
C GLN B 57 -1.23 -4.72 9.78
N LEU B 58 -0.48 -4.52 10.86
CA LEU B 58 0.63 -5.40 11.21
C LEU B 58 0.26 -6.88 11.10
N TRP B 59 -0.67 -7.33 11.93
CA TRP B 59 -1.08 -8.72 11.89
C TRP B 59 -1.37 -9.23 10.47
N GLN B 60 -2.12 -8.45 9.71
CA GLN B 60 -2.44 -8.84 8.34
C GLN B 60 -1.14 -9.13 7.61
N PHE B 61 -0.18 -8.23 7.75
CA PHE B 61 1.13 -8.39 7.13
C PHE B 61 1.68 -9.77 7.48
N LEU B 62 1.87 -9.99 8.78
CA LEU B 62 2.39 -11.25 9.30
C LEU B 62 1.67 -12.46 8.71
N LEU B 63 0.34 -12.43 8.84
CA LEU B 63 -0.49 -13.50 8.34
C LEU B 63 -0.08 -13.93 6.94
N GLU B 64 0.24 -12.95 6.10
CA GLU B 64 0.67 -13.25 4.73
C GLU B 64 2.06 -13.87 4.80
N LEU B 65 2.90 -13.34 5.68
CA LEU B 65 4.25 -13.88 5.86
C LEU B 65 4.13 -15.36 6.15
N LEU B 66 3.31 -15.66 7.16
CA LEU B 66 3.08 -17.02 7.61
C LEU B 66 2.32 -17.91 6.62
N THR B 67 1.85 -17.33 5.52
CA THR B 67 1.13 -18.12 4.51
C THR B 67 1.93 -18.21 3.23
N ASP B 68 3.16 -17.71 3.29
CA ASP B 68 4.05 -17.75 2.13
C ASP B 68 5.27 -18.57 2.53
N LYS B 69 5.38 -19.75 1.93
CA LYS B 69 6.48 -20.67 2.23
C LYS B 69 7.87 -20.05 2.08
N SER B 70 7.97 -18.97 1.31
CA SER B 70 9.26 -18.31 1.12
C SER B 70 9.71 -17.58 2.38
N CYS B 71 8.76 -17.34 3.28
CA CYS B 71 9.03 -16.62 4.52
C CYS B 71 9.37 -17.51 5.72
N GLN B 72 9.02 -18.79 5.63
CA GLN B 72 9.27 -19.72 6.73
C GLN B 72 10.69 -19.74 7.29
N SER B 73 11.63 -19.10 6.60
CA SER B 73 13.01 -19.06 7.06
C SER B 73 13.23 -18.14 8.28
N PHE B 74 12.57 -16.99 8.29
CA PHE B 74 12.71 -16.03 9.39
C PHE B 74 11.46 -15.99 10.28
N ILE B 75 10.38 -16.62 9.81
CA ILE B 75 9.15 -16.67 10.58
C ILE B 75 8.30 -17.80 10.08
N SER B 76 7.60 -18.46 11.01
CA SER B 76 6.73 -19.57 10.66
C SER B 76 5.92 -20.00 11.87
N TRP B 77 5.15 -21.07 11.70
CA TRP B 77 4.33 -21.60 12.77
C TRP B 77 5.11 -22.62 13.58
N THR B 78 4.70 -22.80 14.83
CA THR B 78 5.35 -23.77 15.71
C THR B 78 4.72 -25.14 15.50
N GLY B 79 3.50 -25.14 14.96
CA GLY B 79 2.78 -26.38 14.72
C GLY B 79 1.57 -26.47 15.61
N ASP B 80 1.58 -25.67 16.67
CA ASP B 80 0.48 -25.63 17.63
C ASP B 80 -0.48 -24.51 17.26
N GLY B 81 -1.66 -24.88 16.78
CA GLY B 81 -2.67 -23.91 16.41
C GLY B 81 -2.19 -22.60 15.77
N TRP B 82 -2.67 -21.48 16.31
CA TRP B 82 -2.33 -20.15 15.82
C TRP B 82 -1.04 -19.63 16.47
N GLU B 83 -0.16 -20.56 16.83
CA GLU B 83 1.11 -20.22 17.47
C GLU B 83 2.19 -20.08 16.41
N PHE B 84 2.92 -18.96 16.46
CA PHE B 84 3.98 -18.74 15.49
C PHE B 84 5.22 -18.16 16.16
N LYS B 85 6.35 -18.25 15.45
CA LYS B 85 7.63 -17.79 15.97
C LYS B 85 8.38 -16.94 14.95
N LEU B 86 9.16 -15.99 15.47
CA LEU B 86 9.94 -15.09 14.62
C LEU B 86 11.41 -15.47 14.71
N SER B 87 11.79 -16.50 13.99
CA SER B 87 13.18 -16.98 14.00
C SER B 87 14.23 -15.90 13.71
N ASP B 88 13.86 -14.89 12.92
CA ASP B 88 14.78 -13.79 12.61
C ASP B 88 14.00 -12.48 12.51
N PRO B 89 13.70 -11.87 13.67
CA PRO B 89 12.97 -10.60 13.77
C PRO B 89 13.49 -9.51 12.86
N ASP B 90 14.77 -9.18 13.00
CA ASP B 90 15.39 -8.14 12.20
C ASP B 90 14.95 -8.20 10.74
N GLU B 91 14.85 -9.41 10.19
CA GLU B 91 14.41 -9.57 8.81
C GLU B 91 12.95 -9.22 8.67
N VAL B 92 12.13 -9.68 9.59
CA VAL B 92 10.70 -9.38 9.53
C VAL B 92 10.50 -7.87 9.61
N ALA B 93 11.10 -7.25 10.62
CA ALA B 93 10.99 -5.80 10.82
C ALA B 93 11.46 -5.03 9.60
N ARG B 94 12.40 -5.62 8.88
CA ARG B 94 12.97 -5.02 7.67
C ARG B 94 11.86 -4.93 6.64
N ARG B 95 11.18 -6.05 6.44
CA ARG B 95 10.09 -6.13 5.47
C ARG B 95 8.90 -5.26 5.86
N TRP B 96 8.43 -5.41 7.10
CA TRP B 96 7.31 -4.61 7.57
C TRP B 96 7.59 -3.14 7.30
N GLY B 97 8.71 -2.66 7.81
CA GLY B 97 9.05 -1.27 7.58
C GLY B 97 9.10 -0.94 6.11
N LYS B 98 9.68 -1.82 5.30
CA LYS B 98 9.79 -1.56 3.87
C LYS B 98 8.44 -1.60 3.17
N ARG B 99 7.44 -2.23 3.80
CA ARG B 99 6.12 -2.27 3.19
C ARG B 99 5.37 -0.98 3.43
N LYS B 100 5.62 -0.33 4.57
CA LYS B 100 4.95 0.92 4.93
C LYS B 100 5.98 2.06 4.81
N ASN B 101 6.93 1.89 3.90
CA ASN B 101 7.98 2.88 3.68
C ASN B 101 8.56 3.47 4.97
N LYS B 102 9.08 2.62 5.85
CA LYS B 102 9.64 3.09 7.11
C LYS B 102 11.03 2.51 7.33
N PRO B 103 12.03 3.12 6.70
CA PRO B 103 13.43 2.67 6.82
C PRO B 103 13.88 2.50 8.27
N LYS B 104 13.52 3.45 9.13
CA LYS B 104 13.91 3.39 10.53
C LYS B 104 13.14 2.33 11.31
N MET B 105 12.59 1.34 10.61
CA MET B 105 11.85 0.29 11.28
C MET B 105 12.77 -0.77 11.89
N ASN B 106 12.31 -1.42 12.96
CA ASN B 106 13.09 -2.46 13.63
C ASN B 106 12.16 -3.24 14.53
N TYR B 107 12.60 -4.42 14.97
CA TYR B 107 11.77 -5.27 15.83
C TYR B 107 11.37 -4.51 17.10
N GLU B 108 12.24 -3.60 17.53
CA GLU B 108 11.98 -2.80 18.73
C GLU B 108 10.63 -2.09 18.62
N LYS B 109 10.45 -1.37 17.52
CA LYS B 109 9.22 -0.64 17.25
C LYS B 109 8.12 -1.62 16.90
N LEU B 110 8.37 -2.40 15.87
CA LEU B 110 7.44 -3.43 15.39
C LEU B 110 6.79 -4.15 16.55
N SER B 111 7.59 -4.45 17.58
CA SER B 111 7.09 -5.15 18.75
C SER B 111 5.99 -4.33 19.39
N ARG B 112 6.31 -3.07 19.67
CA ARG B 112 5.37 -2.15 20.29
C ARG B 112 4.01 -2.25 19.60
N GLY B 113 4.04 -2.40 18.28
CA GLY B 113 2.81 -2.52 17.53
C GLY B 113 2.04 -3.74 18.00
N LEU B 114 2.78 -4.81 18.26
CA LEU B 114 2.17 -6.04 18.73
C LEU B 114 1.60 -5.91 20.13
N ARG B 115 2.33 -5.21 21.00
CA ARG B 115 1.88 -5.02 22.36
C ARG B 115 0.46 -4.48 22.39
N TYR B 116 0.13 -3.59 21.46
CA TYR B 116 -1.20 -3.02 21.40
C TYR B 116 -2.27 -4.06 21.03
N TYR B 117 -1.84 -5.22 20.56
CA TYR B 117 -2.76 -6.28 20.16
C TYR B 117 -3.26 -7.15 21.32
N TYR B 118 -2.55 -7.10 22.45
CA TYR B 118 -2.92 -7.87 23.63
C TYR B 118 -4.34 -7.49 24.05
N ASP B 119 -4.49 -6.26 24.53
CA ASP B 119 -5.78 -5.77 24.96
C ASP B 119 -6.86 -5.98 23.90
N LYS B 120 -6.55 -5.64 22.66
CA LYS B 120 -7.50 -5.77 21.56
C LYS B 120 -7.87 -7.23 21.24
N ASN B 121 -7.15 -8.18 21.84
CA ASN B 121 -7.41 -9.62 21.62
C ASN B 121 -7.24 -10.04 20.17
N ILE B 122 -6.13 -9.62 19.57
CA ILE B 122 -5.84 -9.94 18.20
C ILE B 122 -4.71 -10.95 18.14
N ILE B 123 -3.69 -10.72 18.96
CA ILE B 123 -2.54 -11.61 19.06
C ILE B 123 -1.99 -11.52 20.48
N HIS B 124 -1.56 -12.64 21.03
CA HIS B 124 -1.02 -12.66 22.38
C HIS B 124 0.36 -13.28 22.40
N LYS B 125 1.08 -13.07 23.50
CA LYS B 125 2.44 -13.59 23.66
C LYS B 125 2.51 -14.93 24.39
N THR B 126 3.40 -15.79 23.92
CA THR B 126 3.61 -17.09 24.53
C THR B 126 4.60 -16.89 25.67
N ALA B 127 4.08 -16.77 26.89
CA ALA B 127 4.90 -16.55 28.08
C ALA B 127 5.97 -17.64 28.24
N GLY B 128 7.20 -17.22 28.53
CA GLY B 128 8.29 -18.17 28.69
C GLY B 128 9.18 -18.29 27.46
N LYS B 129 8.59 -18.04 26.29
CA LYS B 129 9.34 -18.13 25.04
C LYS B 129 9.56 -16.73 24.46
N ARG B 130 10.72 -16.53 23.86
CA ARG B 130 11.04 -15.23 23.28
C ARG B 130 10.73 -15.23 21.80
N TYR B 131 10.12 -14.13 21.35
CA TYR B 131 9.75 -13.97 19.94
C TYR B 131 8.84 -15.14 19.53
N VAL B 132 7.86 -15.39 20.38
CA VAL B 132 6.89 -16.45 20.18
C VAL B 132 5.52 -15.88 20.52
N TYR B 133 4.61 -15.84 19.55
CA TYR B 133 3.28 -15.32 19.81
C TYR B 133 2.21 -16.24 19.23
N ARG B 134 0.96 -15.82 19.35
CA ARG B 134 -0.18 -16.60 18.86
C ARG B 134 -1.41 -15.76 18.56
N PHE B 135 -2.00 -15.99 17.39
CA PHE B 135 -3.22 -15.29 17.00
C PHE B 135 -4.32 -15.81 17.91
N VAL B 136 -5.07 -14.89 18.53
CA VAL B 136 -6.12 -15.32 19.43
C VAL B 136 -7.50 -15.03 18.86
N CYS B 137 -7.55 -14.24 17.81
CA CYS B 137 -8.80 -13.88 17.16
C CYS B 137 -9.41 -15.08 16.43
N ASP B 138 -10.66 -14.93 16.01
CA ASP B 138 -11.36 -16.00 15.30
C ASP B 138 -10.95 -16.05 13.83
N LEU B 139 -9.77 -16.58 13.56
CA LEU B 139 -9.27 -16.67 12.19
C LEU B 139 -9.93 -17.73 11.33
N GLN B 140 -10.17 -18.91 11.89
CA GLN B 140 -10.79 -19.99 11.14
C GLN B 140 -12.08 -19.56 10.46
N SER B 141 -12.91 -18.78 11.17
CA SER B 141 -14.18 -18.32 10.63
C SER B 141 -14.02 -17.14 9.66
N LEU B 142 -13.00 -16.32 9.87
CA LEU B 142 -12.76 -15.20 8.98
C LEU B 142 -12.17 -15.65 7.66
N LEU B 143 -11.13 -16.48 7.72
CA LEU B 143 -10.46 -17.00 6.53
C LEU B 143 -11.12 -18.23 5.92
N GLY B 144 -11.70 -19.07 6.79
CA GLY B 144 -12.34 -20.28 6.30
C GLY B 144 -11.29 -21.39 6.22
N TYR B 145 -10.20 -21.22 6.95
CA TYR B 145 -9.12 -22.20 6.98
C TYR B 145 -8.77 -22.52 8.43
N THR B 146 -8.44 -23.79 8.69
CA THR B 146 -8.04 -24.21 10.03
C THR B 146 -6.52 -24.25 10.06
N PRO B 147 -5.92 -24.05 11.24
CA PRO B 147 -4.46 -24.08 11.34
C PRO B 147 -3.86 -25.28 10.62
N GLU B 148 -4.39 -26.46 10.91
CA GLU B 148 -3.91 -27.70 10.32
C GLU B 148 -3.93 -27.68 8.78
N GLU B 149 -4.99 -27.11 8.19
CA GLU B 149 -5.09 -27.01 6.73
C GLU B 149 -3.87 -26.24 6.26
N LEU B 150 -3.68 -25.09 6.90
CA LEU B 150 -2.59 -24.19 6.61
C LEU B 150 -1.25 -24.90 6.82
N HIS B 151 -1.08 -25.46 8.01
CA HIS B 151 0.15 -26.18 8.35
C HIS B 151 0.46 -27.17 7.23
N ALA B 152 -0.52 -27.98 6.88
CA ALA B 152 -0.37 -28.96 5.82
C ALA B 152 0.10 -28.28 4.53
N MET B 153 -0.69 -27.31 4.06
CA MET B 153 -0.36 -26.58 2.84
C MET B 153 1.03 -25.97 2.88
N LEU B 154 1.44 -25.54 4.07
CA LEU B 154 2.74 -24.92 4.29
C LEU B 154 3.82 -25.95 4.61
N ASP B 155 3.41 -27.20 4.86
CA ASP B 155 4.35 -28.28 5.19
C ASP B 155 5.10 -27.99 6.49
N VAL B 156 4.37 -27.54 7.52
CA VAL B 156 4.96 -27.22 8.82
C VAL B 156 5.58 -28.47 9.46
N LYS B 157 6.81 -28.34 9.93
CA LYS B 157 7.53 -29.45 10.56
C LYS B 157 7.00 -29.92 11.92
N PRO B 158 7.19 -29.13 13.00
CA PRO B 158 6.68 -29.60 14.29
C PRO B 158 5.14 -29.65 14.37
#